data_6U1T
#
_entry.id   6U1T
#
_cell.length_a   78.120
_cell.length_b   95.010
_cell.length_c   137.200
_cell.angle_alpha   90.000
_cell.angle_beta   90.000
_cell.angle_gamma   90.000
#
_symmetry.space_group_name_H-M   'C 2 2 21'
#
loop_
_entity.id
_entity.type
_entity.pdbx_description
1 polymer 'antigen-binding (Fab) fragment, heavy chain'
2 polymer 'antigen-binding (Fab) fragment, light chain'
3 non-polymer 'CHLORIDE ION'
4 water water
#
loop_
_entity_poly.entity_id
_entity_poly.type
_entity_poly.pdbx_seq_one_letter_code
_entity_poly.pdbx_strand_id
1 'polypeptide(L)'
;EVQLVESGGGLVKPGGSLKLSCAASGFTFSSYDMSWVRQTPEKRLEWVAMISSGGSYSYYPDSVKGRFTISRDNAKNTLY
LQMSSLRSEDTAMYYCARQGDYAWFAYWGQGTLVTVSAASTTAPSVYPLAPVCGDTTGSSVTLGCLVKGYFPEPVTLTWN
SGSLSSGVHTFPAVLQSDLYTLSSSVTTVSSTWPSESITCNVAHPASSTKVDKKIQPRGPT
;
H
2 'polypeptide(L)'
;DIQMTQSPASQSASLGESVTITCLASQTIGTWLAWYQQKPGKSPQLLIYAATSLADGVPSRFSGSGSGTKFSFKISSLQA
EDFVSYYCQQFYSTPFTFGGGTKLEIKRADAAPTVSIFPPSSEQLTSGGASVVCFLNNFYPKDINVKWKIDGSERQNGVL
NSWTDQDSKDSTYSMSSTLTLTKDEYERHNSYTCEATHKTSTSPIVKSFNRNEC
;
L
#
# COMPACT_ATOMS: atom_id res chain seq x y z
N GLU A 1 15.83 23.97 9.13
CA GLU A 1 14.66 23.11 8.80
C GLU A 1 14.40 22.15 9.98
N VAL A 2 13.14 22.02 10.38
CA VAL A 2 12.76 21.06 11.37
C VAL A 2 13.06 19.66 10.84
N GLN A 3 13.66 18.84 11.71
CA GLN A 3 14.06 17.50 11.37
C GLN A 3 13.73 16.57 12.53
N LEU A 4 13.02 15.48 12.21
CA LEU A 4 12.67 14.43 13.15
C LEU A 4 13.05 13.11 12.48
N VAL A 5 13.89 12.31 13.15
CA VAL A 5 14.41 11.07 12.55
C VAL A 5 14.23 9.93 13.53
N GLU A 6 13.30 9.03 13.21
CA GLU A 6 13.00 7.87 14.04
C GLU A 6 13.95 6.74 13.70
N SER A 7 14.22 5.91 14.72
CA SER A 7 15.00 4.71 14.56
C SER A 7 14.55 3.69 15.61
N GLY A 8 14.99 2.45 15.44
CA GLY A 8 14.78 1.40 16.44
C GLY A 8 13.74 0.37 16.04
N GLY A 9 13.03 0.62 14.92
CA GLY A 9 12.05 -0.31 14.44
C GLY A 9 12.67 -1.65 14.06
N GLY A 10 11.82 -2.67 13.97
CA GLY A 10 12.24 -3.99 13.55
C GLY A 10 11.10 -5.00 13.66
N LEU A 11 11.47 -6.26 13.42
CA LEU A 11 10.60 -7.41 13.51
C LEU A 11 10.78 -8.04 14.90
N VAL A 12 9.67 -8.20 15.62
CA VAL A 12 9.72 -8.72 16.98
CA VAL A 12 9.66 -8.65 17.02
C VAL A 12 8.55 -9.70 17.17
N LYS A 13 8.78 -10.72 18.00
CA LYS A 13 7.77 -11.72 18.26
CA LYS A 13 7.80 -11.74 18.31
C LYS A 13 6.73 -11.15 19.23
N PRO A 14 5.46 -11.61 19.16
CA PRO A 14 4.44 -11.24 20.14
C PRO A 14 4.96 -11.48 21.55
N GLY A 15 4.69 -10.52 22.45
CA GLY A 15 5.16 -10.55 23.82
C GLY A 15 6.50 -9.85 24.00
N GLY A 16 7.17 -9.52 22.88
CA GLY A 16 8.49 -8.93 22.92
C GLY A 16 8.46 -7.44 23.23
N SER A 17 9.66 -6.85 23.22
CA SER A 17 9.94 -5.46 23.60
CA SER A 17 9.90 -5.45 23.56
C SER A 17 10.82 -4.81 22.53
N LEU A 18 10.71 -3.49 22.41
CA LEU A 18 11.46 -2.71 21.48
C LEU A 18 11.45 -1.27 21.97
N LYS A 19 12.56 -0.56 21.80
CA LYS A 19 12.63 0.84 22.18
C LYS A 19 12.92 1.66 20.92
N LEU A 20 12.01 2.61 20.62
CA LEU A 20 12.18 3.50 19.49
C LEU A 20 12.79 4.80 20.01
N SER A 21 13.54 5.45 19.12
CA SER A 21 14.14 6.76 19.37
CA SER A 21 14.08 6.78 19.39
C SER A 21 13.73 7.71 18.23
N CYS A 22 13.69 9.00 18.54
CA CYS A 22 13.42 10.06 17.59
CA CYS A 22 13.48 10.02 17.56
C CYS A 22 14.40 11.20 17.88
N ALA A 23 15.31 11.46 16.94
CA ALA A 23 16.30 12.52 17.04
C ALA A 23 15.70 13.78 16.43
N ALA A 24 15.59 14.82 17.25
CA ALA A 24 15.03 16.11 16.85
C ALA A 24 16.17 17.11 16.61
N SER A 25 16.03 17.90 15.55
CA SER A 25 16.97 18.98 15.27
C SER A 25 16.25 20.10 14.51
N GLY A 26 16.87 21.28 14.53
CA GLY A 26 16.40 22.45 13.77
C GLY A 26 15.30 23.23 14.47
N PHE A 27 15.07 22.94 15.76
CA PHE A 27 14.15 23.70 16.61
C PHE A 27 14.53 23.47 18.07
N THR A 28 13.98 24.28 18.97
CA THR A 28 14.21 24.11 20.40
C THR A 28 13.32 22.99 20.92
N PHE A 29 13.88 21.78 21.02
CA PHE A 29 13.12 20.57 21.33
C PHE A 29 12.37 20.72 22.66
N SER A 30 13.03 21.28 23.68
CA SER A 30 12.52 21.34 25.04
C SER A 30 11.29 22.25 25.15
N SER A 31 11.00 23.04 24.10
CA SER A 31 9.86 23.97 24.09
C SER A 31 8.56 23.28 23.64
N TYR A 32 8.62 22.05 23.10
CA TYR A 32 7.47 21.46 22.40
C TYR A 32 6.99 20.16 23.05
N ASP A 33 5.67 20.05 23.18
CA ASP A 33 5.01 18.78 23.44
C ASP A 33 5.22 17.91 22.20
N MET A 34 5.38 16.59 22.44
CA MET A 34 5.66 15.63 21.37
C MET A 34 4.72 14.43 21.52
N SER A 35 4.40 13.79 20.39
CA SER A 35 3.65 12.55 20.38
C SER A 35 4.34 11.52 19.49
N TRP A 36 4.01 10.25 19.75
CA TRP A 36 4.15 9.19 18.77
C TRP A 36 2.78 8.93 18.18
N VAL A 37 2.74 8.82 16.84
CA VAL A 37 1.56 8.47 16.10
C VAL A 37 1.93 7.33 15.16
N ARG A 38 1.09 6.30 15.08
CA ARG A 38 1.41 5.16 14.24
C ARG A 38 0.40 5.04 13.09
N GLN A 39 0.84 4.39 12.01
CA GLN A 39 -0.03 4.11 10.89
C GLN A 39 -0.01 2.62 10.62
N THR A 40 -1.18 2.00 10.72
CA THR A 40 -1.28 0.55 10.62
C THR A 40 -1.16 0.15 9.15
N PRO A 41 -1.01 -1.16 8.85
CA PRO A 41 -0.96 -1.61 7.46
C PRO A 41 -2.21 -1.24 6.65
N GLU A 42 -3.35 -1.07 7.33
CA GLU A 42 -4.61 -0.65 6.67
C GLU A 42 -4.66 0.87 6.43
N LYS A 43 -3.58 1.59 6.81
CA LYS A 43 -3.35 3.03 6.61
C LYS A 43 -4.17 3.87 7.61
N ARG A 44 -4.66 3.25 8.68
CA ARG A 44 -5.31 3.96 9.77
CA ARG A 44 -5.32 4.01 9.73
C ARG A 44 -4.26 4.66 10.62
N LEU A 45 -4.52 5.91 11.00
CA LEU A 45 -3.64 6.66 11.90
C LEU A 45 -4.17 6.53 13.33
N GLU A 46 -3.25 6.25 14.26
CA GLU A 46 -3.58 6.04 15.66
C GLU A 46 -2.56 6.79 16.52
N TRP A 47 -3.04 7.71 17.34
CA TRP A 47 -2.21 8.37 18.34
C TRP A 47 -1.80 7.34 19.42
N VAL A 48 -0.50 7.32 19.75
CA VAL A 48 0.09 6.30 20.64
C VAL A 48 0.45 6.88 22.01
N ALA A 49 0.99 8.09 22.06
CA ALA A 49 1.40 8.68 23.34
C ALA A 49 1.81 10.13 23.14
N MET A 50 1.60 10.93 24.19
CA MET A 50 2.02 12.31 24.22
CA MET A 50 2.00 12.32 24.23
C MET A 50 2.86 12.56 25.48
N ILE A 51 3.88 13.42 25.35
CA ILE A 51 4.65 13.87 26.48
C ILE A 51 4.79 15.40 26.43
N SER A 52 4.67 16.02 27.60
CA SER A 52 4.81 17.48 27.75
C SER A 52 6.26 17.89 27.42
N SER A 53 6.42 19.16 27.06
CA SER A 53 7.70 19.79 26.73
C SER A 53 8.79 19.42 27.75
N GLY A 54 8.47 19.56 29.04
CA GLY A 54 9.45 19.34 30.12
C GLY A 54 9.57 17.89 30.57
N GLY A 55 8.71 17.00 30.05
CA GLY A 55 8.80 15.57 30.32
C GLY A 55 7.99 15.11 31.52
N SER A 56 7.39 16.04 32.27
CA SER A 56 6.74 15.72 33.57
C SER A 56 5.37 15.06 33.40
N TYR A 57 4.73 15.22 32.22
CA TYR A 57 3.37 14.73 32.02
C TYR A 57 3.30 13.90 30.75
N SER A 58 2.68 12.71 30.87
CA SER A 58 2.53 11.77 29.75
CA SER A 58 2.52 11.78 29.75
C SER A 58 1.07 11.30 29.69
N TYR A 59 0.62 10.99 28.47
CA TYR A 59 -0.75 10.62 28.17
C TYR A 59 -0.75 9.48 27.16
N TYR A 60 -1.65 8.52 27.36
CA TYR A 60 -1.73 7.32 26.54
C TYR A 60 -3.17 6.93 26.28
N PRO A 61 -3.46 6.31 25.11
CA PRO A 61 -4.74 5.66 24.89
C PRO A 61 -4.72 4.32 25.63
N ASP A 62 -5.90 3.78 25.90
CA ASP A 62 -6.06 2.54 26.66
C ASP A 62 -5.40 1.37 25.91
N SER A 63 -5.33 1.45 24.58
CA SER A 63 -4.76 0.40 23.72
C SER A 63 -3.31 0.07 24.10
N VAL A 64 -2.55 1.05 24.60
CA VAL A 64 -1.11 0.85 24.91
C VAL A 64 -0.79 1.12 26.39
N LYS A 65 -1.76 1.63 27.16
CA LYS A 65 -1.54 1.98 28.55
C LYS A 65 -1.07 0.72 29.28
N GLY A 66 0.03 0.86 30.03
CA GLY A 66 0.62 -0.20 30.83
C GLY A 66 1.65 -1.03 30.08
N ARG A 67 1.75 -0.81 28.76
CA ARG A 67 2.67 -1.54 27.87
C ARG A 67 3.73 -0.60 27.29
N PHE A 68 3.31 0.62 26.90
CA PHE A 68 4.22 1.56 26.27
C PHE A 68 4.53 2.71 27.23
N THR A 69 5.77 3.21 27.13
CA THR A 69 6.23 4.34 27.93
C THR A 69 6.91 5.34 27.01
N ILE A 70 6.36 6.55 26.96
CA ILE A 70 6.99 7.65 26.27
C ILE A 70 7.89 8.37 27.27
N SER A 71 9.06 8.80 26.78
CA SER A 71 10.00 9.57 27.57
C SER A 71 10.79 10.47 26.63
N ARG A 72 11.53 11.41 27.21
CA ARG A 72 12.35 12.32 26.45
C ARG A 72 13.58 12.70 27.24
N ASP A 73 14.64 13.02 26.51
CA ASP A 73 15.85 13.54 27.07
C ASP A 73 16.12 14.86 26.39
N ASN A 74 15.76 15.96 27.06
CA ASN A 74 15.84 17.28 26.47
C ASN A 74 17.31 17.67 26.21
N ALA A 75 18.24 17.16 27.03
CA ALA A 75 19.64 17.48 26.85
C ALA A 75 20.19 16.85 25.55
N LYS A 76 19.61 15.71 25.14
CA LYS A 76 20.04 14.93 23.98
CA LYS A 76 20.08 14.97 23.97
C LYS A 76 19.10 15.13 22.79
N ASN A 77 18.08 16.00 22.95
CA ASN A 77 17.13 16.30 21.86
CA ASN A 77 17.13 16.30 21.87
C ASN A 77 16.56 15.00 21.28
N THR A 78 16.18 14.06 22.16
CA THR A 78 15.67 12.78 21.73
C THR A 78 14.36 12.46 22.46
N LEU A 79 13.41 11.91 21.69
CA LEU A 79 12.17 11.34 22.19
C LEU A 79 12.27 9.81 22.10
N TYR A 80 11.65 9.11 23.05
CA TYR A 80 11.71 7.65 23.08
C TYR A 80 10.31 7.06 23.22
N LEU A 81 10.17 5.83 22.74
CA LEU A 81 9.02 4.99 23.03
C LEU A 81 9.50 3.59 23.40
N GLN A 82 9.36 3.25 24.67
CA GLN A 82 9.61 1.91 25.14
C GLN A 82 8.33 1.10 24.94
N MET A 83 8.43 0.04 24.16
CA MET A 83 7.33 -0.85 23.86
CA MET A 83 7.31 -0.82 23.91
C MET A 83 7.58 -2.18 24.57
N SER A 84 6.56 -2.72 25.21
CA SER A 84 6.63 -4.01 25.87
CA SER A 84 6.64 -4.02 25.84
C SER A 84 5.35 -4.78 25.62
N SER A 85 5.35 -6.08 25.89
CA SER A 85 4.19 -6.92 25.70
C SER A 85 3.58 -6.69 24.33
N LEU A 86 4.42 -6.70 23.30
CA LEU A 86 3.96 -6.30 21.97
C LEU A 86 2.94 -7.32 21.44
N ARG A 87 1.98 -6.79 20.68
CA ARG A 87 0.87 -7.53 20.10
C ARG A 87 0.89 -7.32 18.59
N SER A 88 0.25 -8.25 17.86
CA SER A 88 0.12 -8.17 16.40
CA SER A 88 0.18 -8.15 16.40
C SER A 88 -0.41 -6.80 15.98
N GLU A 89 -1.40 -6.31 16.74
CA GLU A 89 -2.08 -5.06 16.34
C GLU A 89 -1.20 -3.82 16.57
N ASP A 90 -0.04 -3.97 17.19
CA ASP A 90 0.95 -2.89 17.31
C ASP A 90 1.78 -2.73 16.03
N THR A 91 1.61 -3.66 15.08
CA THR A 91 2.32 -3.57 13.78
C THR A 91 1.93 -2.28 13.07
N ALA A 92 2.93 -1.45 12.77
CA ALA A 92 2.67 -0.14 12.19
C ALA A 92 3.97 0.58 11.88
N MET A 93 3.85 1.65 11.08
CA MET A 93 4.89 2.63 10.96
C MET A 93 4.72 3.62 12.13
N TYR A 94 5.78 3.84 12.91
CA TYR A 94 5.72 4.73 14.06
C TYR A 94 6.41 6.05 13.71
N TYR A 95 5.64 7.13 13.89
CA TYR A 95 6.11 8.47 13.64
C TYR A 95 6.21 9.24 14.94
N CYS A 96 7.29 10.02 15.01
CA CYS A 96 7.53 11.07 15.95
CA CYS A 96 7.35 11.05 16.05
C CYS A 96 6.88 12.36 15.42
N ALA A 97 6.15 13.11 16.24
CA ALA A 97 5.48 14.31 15.77
C ALA A 97 5.61 15.44 16.79
N ARG A 98 5.91 16.65 16.29
CA ARG A 98 5.97 17.83 17.10
C ARG A 98 4.57 18.47 17.12
N GLN A 99 4.08 18.78 18.33
CA GLN A 99 2.76 19.40 18.48
C GLN A 99 2.89 20.92 18.44
N GLY A 100 1.75 21.58 18.14
CA GLY A 100 1.60 23.01 18.35
C GLY A 100 1.24 23.31 19.80
N ASP A 101 0.55 24.44 20.03
CA ASP A 101 0.10 24.82 21.36
C ASP A 101 -0.88 23.78 21.92
N TYR A 102 -1.60 23.16 20.99
CA TYR A 102 -2.48 22.04 21.21
CA TYR A 102 -2.42 22.00 21.29
C TYR A 102 -2.03 20.89 20.31
N ALA A 103 -2.66 19.72 20.48
CA ALA A 103 -2.14 18.50 19.89
C ALA A 103 -2.59 18.30 18.45
N TRP A 104 -2.38 19.31 17.60
CA TRP A 104 -2.20 19.03 16.20
C TRP A 104 -0.72 18.69 15.99
N PHE A 105 -0.44 17.99 14.89
CA PHE A 105 0.89 17.45 14.64
C PHE A 105 1.51 18.25 13.50
N ALA A 106 2.31 19.25 13.86
CA ALA A 106 2.83 20.24 12.94
C ALA A 106 3.95 19.68 12.07
N TYR A 107 4.77 18.77 12.63
CA TYR A 107 5.89 18.17 11.91
C TYR A 107 5.94 16.69 12.29
N TRP A 108 6.23 15.86 11.29
CA TRP A 108 6.32 14.42 11.43
C TRP A 108 7.66 13.96 10.87
N GLY A 109 8.25 12.95 11.50
CA GLY A 109 9.38 12.26 10.95
C GLY A 109 8.98 11.36 9.78
N GLN A 110 9.97 10.61 9.30
CA GLN A 110 9.80 9.70 8.17
C GLN A 110 9.22 8.35 8.59
N GLY A 111 9.36 8.04 9.87
CA GLY A 111 8.78 6.83 10.43
C GLY A 111 9.82 5.74 10.59
N THR A 112 9.56 4.85 11.56
CA THR A 112 10.30 3.60 11.74
C THR A 112 9.28 2.47 11.84
N LEU A 113 9.51 1.37 11.10
CA LEU A 113 8.53 0.30 10.97
C LEU A 113 8.72 -0.73 12.08
N VAL A 114 7.60 -1.07 12.74
CA VAL A 114 7.57 -2.14 13.73
C VAL A 114 6.61 -3.22 13.24
N THR A 115 7.12 -4.45 13.14
CA THR A 115 6.33 -5.59 12.74
C THR A 115 6.36 -6.61 13.89
N VAL A 116 5.17 -6.94 14.40
CA VAL A 116 5.03 -7.90 15.48
C VAL A 116 4.42 -9.18 14.90
N SER A 117 5.24 -10.24 14.82
CA SER A 117 4.82 -11.48 14.19
C SER A 117 5.68 -12.63 14.69
N ALA A 118 5.06 -13.81 14.81
CA ALA A 118 5.75 -15.06 15.12
C ALA A 118 6.16 -15.81 13.86
N ALA A 119 5.83 -15.28 12.67
CA ALA A 119 6.10 -15.98 11.41
C ALA A 119 7.61 -16.16 11.22
N SER A 120 8.01 -17.27 10.63
CA SER A 120 9.41 -17.56 10.39
C SER A 120 9.86 -16.90 9.08
N THR A 121 11.09 -16.39 9.09
CA THR A 121 11.72 -15.85 7.91
C THR A 121 11.80 -16.95 6.84
N THR A 122 11.31 -16.62 5.64
CA THR A 122 11.21 -17.57 4.55
C THR A 122 11.61 -16.86 3.26
N ALA A 123 12.57 -17.45 2.52
CA ALA A 123 13.00 -16.94 1.22
C ALA A 123 11.96 -17.31 0.18
N PRO A 124 11.69 -16.44 -0.82
CA PRO A 124 10.71 -16.79 -1.85
C PRO A 124 11.25 -17.73 -2.92
N SER A 125 10.33 -18.43 -3.56
CA SER A 125 10.57 -19.01 -4.87
C SER A 125 10.23 -17.94 -5.92
N VAL A 126 11.05 -17.84 -6.95
CA VAL A 126 10.84 -16.85 -7.99
C VAL A 126 10.63 -17.60 -9.31
N TYR A 127 9.48 -17.36 -9.93
CA TYR A 127 9.10 -18.11 -11.12
C TYR A 127 8.93 -17.16 -12.30
N PRO A 128 9.56 -17.49 -13.45
CA PRO A 128 9.36 -16.69 -14.67
C PRO A 128 8.03 -17.06 -15.29
N LEU A 129 7.30 -16.05 -15.78
CA LEU A 129 6.00 -16.24 -16.41
C LEU A 129 6.10 -15.82 -17.87
N ALA A 130 6.28 -16.82 -18.72
CA ALA A 130 6.29 -16.62 -20.17
C ALA A 130 4.88 -16.83 -20.71
N PRO A 131 4.54 -16.27 -21.88
CA PRO A 131 3.22 -16.44 -22.45
C PRO A 131 2.91 -17.92 -22.73
N VAL A 132 1.62 -18.23 -22.84
CA VAL A 132 1.14 -19.62 -23.15
C VAL A 132 1.94 -20.24 -24.32
N CYS A 133 2.34 -21.52 -24.17
CA CYS A 133 3.14 -22.28 -25.20
CA CYS A 133 3.09 -22.30 -25.17
C CYS A 133 2.38 -22.24 -26.53
N GLY A 134 3.11 -21.85 -27.58
CA GLY A 134 2.61 -21.84 -28.96
C GLY A 134 1.52 -20.80 -29.22
N ASP A 135 1.40 -19.80 -28.34
CA ASP A 135 0.38 -18.75 -28.49
C ASP A 135 0.72 -17.90 -29.73
N THR A 136 -0.32 -17.52 -30.49
CA THR A 136 -0.15 -16.54 -31.58
C THR A 136 0.20 -15.19 -30.97
N THR A 137 1.30 -14.59 -31.44
CA THR A 137 1.86 -13.38 -30.86
C THR A 137 1.29 -12.14 -31.59
N GLY A 138 0.78 -11.17 -30.81
CA GLY A 138 0.25 -9.87 -31.30
C GLY A 138 1.34 -8.80 -31.35
N SER A 139 0.95 -7.51 -31.29
CA SER A 139 1.90 -6.39 -31.44
C SER A 139 2.70 -6.13 -30.14
N SER A 140 2.09 -6.46 -28.99
CA SER A 140 2.79 -6.42 -27.70
CA SER A 140 2.75 -6.42 -27.68
C SER A 140 2.73 -7.81 -27.04
N VAL A 141 3.63 -8.01 -26.08
CA VAL A 141 3.68 -9.23 -25.32
CA VAL A 141 3.74 -9.24 -25.31
C VAL A 141 3.82 -8.83 -23.85
N THR A 142 3.16 -9.59 -22.97
CA THR A 142 3.23 -9.37 -21.53
C THR A 142 3.88 -10.60 -20.89
N LEU A 143 4.91 -10.32 -20.08
CA LEU A 143 5.65 -11.31 -19.32
C LEU A 143 5.40 -11.03 -17.84
N GLY A 144 5.73 -12.02 -17.01
CA GLY A 144 5.55 -11.83 -15.60
C GLY A 144 6.62 -12.53 -14.80
N CYS A 145 6.60 -12.21 -13.49
CA CYS A 145 7.45 -12.79 -12.52
CA CYS A 145 7.44 -12.84 -12.52
C CYS A 145 6.62 -13.00 -11.25
N LEU A 146 6.62 -14.23 -10.72
CA LEU A 146 5.86 -14.59 -9.54
C LEU A 146 6.86 -14.84 -8.40
N VAL A 147 6.66 -14.11 -7.31
CA VAL A 147 7.53 -14.19 -6.15
C VAL A 147 6.69 -14.79 -5.02
N LYS A 148 6.89 -16.07 -4.74
CA LYS A 148 5.93 -16.82 -3.95
CA LYS A 148 5.94 -16.85 -3.97
C LYS A 148 6.56 -17.30 -2.64
N GLY A 149 5.88 -16.96 -1.55
CA GLY A 149 6.14 -17.59 -0.25
C GLY A 149 7.31 -17.01 0.51
N TYR A 150 7.25 -15.72 0.87
CA TYR A 150 8.32 -15.11 1.62
C TYR A 150 7.79 -14.42 2.86
N PHE A 151 8.71 -14.26 3.82
CA PHE A 151 8.44 -13.48 5.02
C PHE A 151 9.77 -13.05 5.62
N PRO A 152 9.86 -11.84 6.16
CA PRO A 152 8.90 -10.74 6.11
C PRO A 152 9.00 -9.97 4.79
N GLU A 153 8.14 -8.95 4.64
CA GLU A 153 8.34 -7.92 3.62
C GLU A 153 9.61 -7.14 3.98
N PRO A 154 10.25 -6.52 3.00
CA PRO A 154 9.86 -6.50 1.60
C PRO A 154 10.73 -7.41 0.73
N VAL A 155 10.36 -7.48 -0.54
CA VAL A 155 11.27 -7.85 -1.59
C VAL A 155 11.49 -6.63 -2.46
N THR A 156 12.61 -6.63 -3.18
CA THR A 156 12.79 -5.73 -4.30
CA THR A 156 12.85 -5.73 -4.29
C THR A 156 12.73 -6.54 -5.59
N LEU A 157 12.01 -6.00 -6.56
CA LEU A 157 11.87 -6.62 -7.85
C LEU A 157 12.15 -5.56 -8.92
N THR A 158 13.08 -5.88 -9.82
CA THR A 158 13.35 -5.07 -10.99
C THR A 158 13.33 -5.94 -12.23
N TRP A 159 13.30 -5.28 -13.39
CA TRP A 159 13.44 -5.91 -14.67
C TRP A 159 14.72 -5.39 -15.35
N ASN A 160 15.55 -6.32 -15.83
CA ASN A 160 16.82 -5.97 -16.47
C ASN A 160 17.63 -5.00 -15.59
N SER A 161 17.69 -5.33 -14.29
CA SER A 161 18.49 -4.64 -13.28
C SER A 161 18.05 -3.17 -13.12
N GLY A 162 16.79 -2.88 -13.47
CA GLY A 162 16.22 -1.54 -13.37
C GLY A 162 16.22 -0.77 -14.69
N SER A 163 16.86 -1.32 -15.74
CA SER A 163 16.97 -0.63 -17.03
CA SER A 163 16.99 -0.67 -17.05
C SER A 163 15.65 -0.68 -17.80
N LEU A 164 14.78 -1.64 -17.45
CA LEU A 164 13.46 -1.79 -18.05
C LEU A 164 12.43 -1.36 -17.00
N SER A 165 11.90 -0.14 -17.16
CA SER A 165 11.01 0.42 -16.17
C SER A 165 9.65 0.79 -16.78
N SER A 166 9.64 1.12 -18.07
CA SER A 166 8.41 1.42 -18.79
CA SER A 166 8.41 1.42 -18.79
C SER A 166 7.59 0.14 -18.97
N GLY A 167 6.26 0.26 -18.83
CA GLY A 167 5.34 -0.84 -19.06
C GLY A 167 5.39 -1.90 -17.97
N VAL A 168 5.86 -1.53 -16.77
CA VAL A 168 5.98 -2.44 -15.66
C VAL A 168 4.91 -2.10 -14.63
N HIS A 169 4.24 -3.13 -14.09
CA HIS A 169 3.35 -3.08 -12.92
CA HIS A 169 3.70 -2.86 -12.78
C HIS A 169 3.83 -4.09 -11.88
N THR A 170 4.13 -3.69 -10.64
CA THR A 170 4.42 -4.62 -9.60
C THR A 170 3.27 -4.53 -8.61
N PHE A 171 2.65 -5.67 -8.37
CA PHE A 171 1.42 -5.74 -7.60
C PHE A 171 1.76 -5.81 -6.13
N PRO A 172 0.99 -5.15 -5.25
CA PRO A 172 1.20 -5.31 -3.83
C PRO A 172 1.17 -6.78 -3.39
N ALA A 173 2.03 -7.11 -2.41
CA ALA A 173 2.06 -8.45 -1.84
C ALA A 173 0.74 -8.75 -1.11
N VAL A 174 0.33 -10.02 -1.19
CA VAL A 174 -0.80 -10.57 -0.45
CA VAL A 174 -0.80 -10.57 -0.45
C VAL A 174 -0.24 -11.58 0.57
N LEU A 175 -0.79 -11.56 1.78
CA LEU A 175 -0.36 -12.40 2.88
C LEU A 175 -1.34 -13.56 3.03
N GLN A 176 -0.80 -14.78 3.05
N GLN A 176 -0.81 -14.79 3.05
CA GLN A 176 -1.56 -16.02 3.24
CA GLN A 176 -1.57 -16.02 3.26
C GLN A 176 -0.71 -17.01 4.05
C GLN A 176 -0.71 -17.01 4.06
N SER A 177 -1.29 -17.52 5.15
CA SER A 177 -0.63 -18.55 5.99
C SER A 177 0.81 -18.14 6.36
N ASP A 178 0.96 -16.87 6.77
CA ASP A 178 2.21 -16.30 7.26
C ASP A 178 3.25 -16.13 6.14
N LEU A 179 2.82 -16.18 4.87
CA LEU A 179 3.74 -15.96 3.74
C LEU A 179 3.13 -14.97 2.75
N TYR A 180 4.00 -14.10 2.23
CA TYR A 180 3.64 -13.12 1.19
C TYR A 180 3.88 -13.72 -0.19
N THR A 181 3.08 -13.26 -1.14
CA THR A 181 3.27 -13.52 -2.55
C THR A 181 3.06 -12.21 -3.29
N LEU A 182 3.92 -11.95 -4.29
CA LEU A 182 3.87 -10.72 -5.12
C LEU A 182 4.08 -11.18 -6.56
N SER A 183 3.57 -10.39 -7.50
CA SER A 183 3.87 -10.61 -8.89
C SER A 183 4.17 -9.27 -9.55
N SER A 184 4.78 -9.34 -10.72
CA SER A 184 5.08 -8.19 -11.52
C SER A 184 4.86 -8.55 -12.98
N SER A 185 4.31 -7.60 -13.75
CA SER A 185 4.18 -7.79 -15.18
C SER A 185 4.98 -6.71 -15.91
N VAL A 186 5.44 -7.07 -17.10
CA VAL A 186 6.10 -6.16 -17.98
C VAL A 186 5.59 -6.40 -19.40
N THR A 187 5.26 -5.31 -20.08
CA THR A 187 4.70 -5.38 -21.43
C THR A 187 5.68 -4.66 -22.37
N THR A 188 6.08 -5.36 -23.45
CA THR A 188 7.01 -4.84 -24.44
C THR A 188 6.43 -5.10 -25.83
N VAL A 189 6.98 -4.40 -26.82
CA VAL A 189 6.61 -4.69 -28.21
C VAL A 189 7.09 -6.11 -28.54
N SER A 190 6.32 -6.84 -29.34
CA SER A 190 6.64 -8.24 -29.62
CA SER A 190 6.63 -8.24 -29.65
C SER A 190 7.96 -8.36 -30.40
N SER A 191 8.41 -7.28 -31.03
CA SER A 191 9.69 -7.27 -31.76
CA SER A 191 9.69 -7.26 -31.75
C SER A 191 10.88 -7.19 -30.79
N THR A 192 10.62 -6.97 -29.49
CA THR A 192 11.71 -6.85 -28.53
CA THR A 192 11.61 -6.79 -28.40
C THR A 192 11.94 -8.15 -27.76
N TRP A 193 10.94 -9.05 -27.72
CA TRP A 193 11.07 -10.30 -26.95
C TRP A 193 10.46 -11.46 -27.74
N PRO A 194 11.17 -12.59 -27.86
CA PRO A 194 12.37 -12.95 -27.09
C PRO A 194 13.70 -12.55 -27.73
N SER A 195 13.69 -11.75 -28.80
CA SER A 195 14.95 -11.33 -29.46
C SER A 195 15.87 -10.60 -28.48
N GLU A 196 15.30 -9.81 -27.56
CA GLU A 196 16.10 -9.15 -26.52
C GLU A 196 15.79 -9.81 -25.17
N SER A 197 16.80 -9.84 -24.29
CA SER A 197 16.76 -10.52 -23.00
C SER A 197 15.87 -9.72 -22.04
N ILE A 198 14.98 -10.41 -21.33
CA ILE A 198 14.25 -9.83 -20.22
C ILE A 198 14.38 -10.77 -19.02
N THR A 199 14.88 -10.20 -17.91
CA THR A 199 15.16 -10.92 -16.69
C THR A 199 14.50 -10.19 -15.52
N CYS A 200 13.86 -10.95 -14.63
CA CYS A 200 13.34 -10.51 -13.37
CA CYS A 200 13.42 -10.32 -13.40
C CYS A 200 14.42 -10.64 -12.29
N ASN A 201 14.70 -9.59 -11.51
CA ASN A 201 15.70 -9.60 -10.46
C ASN A 201 14.97 -9.41 -9.14
N VAL A 202 15.10 -10.38 -8.23
CA VAL A 202 14.39 -10.35 -7.00
C VAL A 202 15.41 -10.48 -5.86
N ALA A 203 15.31 -9.57 -4.90
CA ALA A 203 16.09 -9.68 -3.67
C ALA A 203 15.13 -9.68 -2.47
N HIS A 204 15.46 -10.54 -1.52
CA HIS A 204 14.77 -10.64 -0.24
C HIS A 204 15.81 -10.41 0.84
N PRO A 205 16.03 -9.16 1.26
CA PRO A 205 17.06 -8.83 2.24
C PRO A 205 17.05 -9.68 3.51
N ALA A 206 15.87 -9.99 4.04
CA ALA A 206 15.78 -10.67 5.34
C ALA A 206 16.38 -12.08 5.26
N SER A 207 16.33 -12.71 4.08
CA SER A 207 16.91 -14.06 3.89
C SER A 207 18.25 -14.01 3.12
N SER A 208 18.77 -12.80 2.87
CA SER A 208 20.01 -12.61 2.11
C SER A 208 19.96 -13.37 0.79
N THR A 209 18.79 -13.40 0.15
CA THR A 209 18.68 -14.09 -1.12
C THR A 209 18.49 -13.06 -2.26
N LYS A 210 19.08 -13.40 -3.40
CA LYS A 210 19.00 -12.61 -4.62
C LYS A 210 18.94 -13.61 -5.76
N VAL A 211 17.92 -13.49 -6.62
CA VAL A 211 17.83 -14.41 -7.75
CA VAL A 211 17.66 -14.41 -7.71
C VAL A 211 17.43 -13.60 -8.99
N ASP A 212 17.99 -14.06 -10.11
CA ASP A 212 17.68 -13.56 -11.42
C ASP A 212 16.99 -14.69 -12.19
N LYS A 213 15.84 -14.39 -12.80
CA LYS A 213 15.13 -15.37 -13.62
C LYS A 213 14.89 -14.75 -14.99
N LYS A 214 15.62 -15.29 -15.98
CA LYS A 214 15.41 -14.87 -17.36
C LYS A 214 14.08 -15.46 -17.84
N ILE A 215 13.28 -14.65 -18.53
CA ILE A 215 12.04 -15.14 -19.09
C ILE A 215 12.35 -15.80 -20.43
N GLN A 216 12.15 -17.11 -20.50
CA GLN A 216 12.37 -17.85 -21.72
C GLN A 216 11.04 -18.33 -22.27
N PRO A 217 10.87 -18.36 -23.61
CA PRO A 217 9.63 -18.85 -24.21
C PRO A 217 9.39 -20.31 -23.84
N ARG A 218 8.12 -20.66 -23.70
CA ARG A 218 7.73 -22.02 -23.40
C ARG A 218 7.91 -22.88 -24.66
N GLY A 219 8.43 -24.08 -24.45
CA GLY A 219 8.75 -24.98 -25.52
C GLY A 219 10.26 -25.17 -25.63
N PRO A 220 10.71 -25.68 -26.77
CA PRO A 220 9.90 -25.93 -27.96
C PRO A 220 9.08 -27.22 -27.98
N THR A 221 9.18 -28.06 -26.94
CA THR A 221 8.38 -29.30 -26.87
C THR A 221 7.71 -29.40 -25.50
N ASP B 1 -14.68 7.65 23.77
CA ASP B 1 -13.71 8.24 22.83
C ASP B 1 -14.48 8.93 21.71
N ILE B 2 -13.87 9.94 21.09
CA ILE B 2 -14.53 10.71 20.03
C ILE B 2 -14.24 10.01 18.70
N GLN B 3 -15.30 9.55 18.03
CA GLN B 3 -15.17 8.93 16.73
C GLN B 3 -15.28 10.02 15.66
N MET B 4 -14.33 10.02 14.73
CA MET B 4 -14.31 10.93 13.61
C MET B 4 -14.67 10.12 12.36
N THR B 5 -15.83 10.42 11.77
CA THR B 5 -16.35 9.70 10.60
C THR B 5 -16.09 10.55 9.37
N GLN B 6 -15.18 10.08 8.52
CA GLN B 6 -14.74 10.82 7.38
C GLN B 6 -15.38 10.23 6.12
N SER B 7 -15.87 11.11 5.25
CA SER B 7 -16.52 10.70 4.01
CA SER B 7 -16.57 10.74 4.02
C SER B 7 -16.15 11.67 2.89
N PRO B 8 -16.04 11.14 1.65
CA PRO B 8 -16.17 9.74 1.27
C PRO B 8 -14.84 9.02 1.52
N ALA B 9 -14.83 7.68 1.52
CA ALA B 9 -13.58 6.91 1.64
C ALA B 9 -12.69 7.15 0.41
N SER B 10 -13.35 7.25 -0.75
N SER B 10 -13.32 7.26 -0.75
CA SER B 10 -12.71 7.46 -2.05
CA SER B 10 -12.61 7.67 -1.93
C SER B 10 -13.58 8.38 -2.93
C SER B 10 -13.55 8.45 -2.85
N GLN B 11 -12.95 9.27 -3.67
CA GLN B 11 -13.64 10.16 -4.59
CA GLN B 11 -13.68 10.03 -4.65
C GLN B 11 -12.80 10.24 -5.88
N SER B 12 -13.45 10.09 -7.04
CA SER B 12 -12.83 10.33 -8.32
CA SER B 12 -12.81 10.34 -8.32
C SER B 12 -13.21 11.74 -8.79
N ALA B 13 -12.23 12.46 -9.35
CA ALA B 13 -12.48 13.83 -9.80
C ALA B 13 -11.54 14.14 -10.97
N SER B 14 -11.90 15.20 -11.74
CA SER B 14 -11.04 15.67 -12.80
C SER B 14 -10.02 16.66 -12.25
N LEU B 15 -8.89 16.79 -12.94
CA LEU B 15 -8.06 17.95 -12.77
C LEU B 15 -8.94 19.18 -12.84
N GLY B 16 -8.65 20.16 -11.98
CA GLY B 16 -9.33 21.46 -11.99
C GLY B 16 -10.65 21.47 -11.23
N GLU B 17 -11.18 20.30 -10.86
CA GLU B 17 -12.45 20.19 -10.18
C GLU B 17 -12.28 20.63 -8.71
N SER B 18 -13.35 21.18 -8.13
CA SER B 18 -13.45 21.48 -6.72
C SER B 18 -14.06 20.27 -6.01
N VAL B 19 -13.46 19.86 -4.88
CA VAL B 19 -14.00 18.75 -4.11
CA VAL B 19 -13.98 18.73 -4.10
C VAL B 19 -14.04 19.13 -2.63
N THR B 20 -15.01 18.56 -1.92
CA THR B 20 -15.19 18.73 -0.49
C THR B 20 -15.23 17.35 0.19
N ILE B 21 -14.41 17.22 1.22
CA ILE B 21 -14.35 16.05 2.12
CA ILE B 21 -14.34 16.05 2.11
C ILE B 21 -15.03 16.46 3.42
N THR B 22 -15.76 15.53 4.05
CA THR B 22 -16.40 15.85 5.32
CA THR B 22 -16.45 15.81 5.29
C THR B 22 -15.87 14.96 6.43
N CYS B 23 -15.88 15.54 7.62
CA CYS B 23 -15.55 14.85 8.85
CA CYS B 23 -15.58 14.82 8.85
C CYS B 23 -16.65 15.17 9.88
N LEU B 24 -17.28 14.12 10.44
CA LEU B 24 -18.28 14.22 11.48
CA LEU B 24 -18.26 14.25 11.48
C LEU B 24 -17.68 13.73 12.80
N ALA B 25 -17.75 14.57 13.83
CA ALA B 25 -17.34 14.19 15.18
C ALA B 25 -18.56 13.61 15.93
N SER B 26 -18.34 12.57 16.74
CA SER B 26 -19.41 11.90 17.51
C SER B 26 -19.93 12.76 18.66
N GLN B 27 -19.21 13.82 19.02
CA GLN B 27 -19.66 14.83 19.98
C GLN B 27 -19.08 16.18 19.56
N THR B 28 -19.60 17.29 20.12
CA THR B 28 -19.19 18.62 19.70
CA THR B 28 -19.20 18.62 19.68
C THR B 28 -17.75 18.88 20.17
N ILE B 29 -16.92 19.42 19.28
CA ILE B 29 -15.49 19.65 19.55
C ILE B 29 -15.06 21.07 19.13
N GLY B 30 -16.02 22.00 19.05
CA GLY B 30 -15.70 23.37 18.66
C GLY B 30 -14.92 23.37 17.35
N THR B 31 -13.76 24.02 17.35
CA THR B 31 -12.88 24.08 16.19
C THR B 31 -11.60 23.28 16.42
N TRP B 32 -11.64 22.29 17.33
CA TRP B 32 -10.46 21.54 17.76
C TRP B 32 -10.16 20.38 16.79
N LEU B 33 -9.94 20.72 15.51
CA LEU B 33 -9.75 19.75 14.44
C LEU B 33 -8.60 20.18 13.54
N ALA B 34 -7.89 19.17 13.02
CA ALA B 34 -6.83 19.37 12.06
C ALA B 34 -7.09 18.48 10.85
N TRP B 35 -6.52 18.88 9.72
CA TRP B 35 -6.51 18.11 8.47
C TRP B 35 -5.08 17.91 8.00
N TYR B 36 -4.81 16.68 7.53
CA TYR B 36 -3.52 16.26 7.04
C TYR B 36 -3.66 15.73 5.62
N GLN B 37 -2.57 15.89 4.87
CA GLN B 37 -2.37 15.24 3.59
C GLN B 37 -1.33 14.13 3.76
N GLN B 38 -1.45 13.06 2.97
CA GLN B 38 -0.39 12.06 2.91
C GLN B 38 -0.21 11.60 1.47
N LYS B 39 1.00 11.84 0.96
CA LYS B 39 1.42 11.42 -0.36
C LYS B 39 1.97 10.00 -0.26
N PRO B 40 1.89 9.22 -1.36
CA PRO B 40 2.40 7.84 -1.35
C PRO B 40 3.87 7.78 -0.90
N GLY B 41 4.14 6.92 0.08
CA GLY B 41 5.48 6.67 0.57
C GLY B 41 6.03 7.79 1.44
N LYS B 42 5.17 8.74 1.84
CA LYS B 42 5.59 9.86 2.67
C LYS B 42 4.78 9.85 3.96
N SER B 43 5.30 10.58 4.96
CA SER B 43 4.64 10.84 6.22
CA SER B 43 4.58 10.77 6.20
C SER B 43 3.48 11.81 6.00
N PRO B 44 2.44 11.79 6.86
CA PRO B 44 1.42 12.85 6.81
C PRO B 44 2.06 14.22 7.01
N GLN B 45 1.39 15.24 6.45
CA GLN B 45 1.79 16.64 6.61
CA GLN B 45 1.79 16.63 6.60
C GLN B 45 0.54 17.43 7.02
N LEU B 46 0.73 18.36 7.94
CA LEU B 46 -0.38 19.23 8.39
C LEU B 46 -0.74 20.21 7.28
N LEU B 47 -2.04 20.29 6.97
CA LEU B 47 -2.56 21.33 6.05
C LEU B 47 -3.33 22.41 6.82
N ILE B 48 -4.25 21.99 7.69
CA ILE B 48 -5.12 22.94 8.39
CA ILE B 48 -5.20 22.88 8.37
C ILE B 48 -5.18 22.54 9.86
N TYR B 49 -5.15 23.55 10.72
CA TYR B 49 -5.32 23.32 12.16
C TYR B 49 -6.38 24.29 12.68
N ALA B 50 -7.00 23.93 13.82
CA ALA B 50 -8.06 24.73 14.43
C ALA B 50 -9.18 24.98 13.41
N ALA B 51 -9.52 23.93 12.64
CA ALA B 51 -10.65 23.85 11.68
C ALA B 51 -10.39 24.66 10.41
N THR B 52 -9.78 25.84 10.51
CA THR B 52 -9.76 26.79 9.38
C THR B 52 -8.38 27.42 9.11
N SER B 53 -7.41 27.23 10.00
CA SER B 53 -6.12 27.93 9.87
C SER B 53 -5.17 27.13 8.97
N LEU B 54 -4.61 27.76 7.93
CA LEU B 54 -3.64 27.13 7.02
CA LEU B 54 -3.65 27.09 7.04
C LEU B 54 -2.28 27.04 7.71
N ALA B 55 -1.66 25.86 7.66
CA ALA B 55 -0.30 25.69 8.11
C ALA B 55 0.64 26.47 7.19
N ASP B 56 1.81 26.83 7.72
CA ASP B 56 2.82 27.59 6.98
C ASP B 56 3.14 26.85 5.68
N GLY B 57 3.12 27.59 4.56
CA GLY B 57 3.57 27.11 3.27
C GLY B 57 2.50 26.36 2.48
N VAL B 58 1.31 26.16 3.07
CA VAL B 58 0.24 25.40 2.40
C VAL B 58 -0.47 26.29 1.39
N PRO B 59 -0.66 25.83 0.13
CA PRO B 59 -1.39 26.63 -0.86
C PRO B 59 -2.84 26.98 -0.45
N SER B 60 -3.31 28.15 -0.90
CA SER B 60 -4.60 28.70 -0.51
CA SER B 60 -4.61 28.66 -0.46
C SER B 60 -5.77 27.94 -1.18
N ARG B 61 -5.45 27.05 -2.13
CA ARG B 61 -6.50 26.21 -2.74
C ARG B 61 -7.06 25.20 -1.73
N PHE B 62 -6.35 24.98 -0.61
CA PHE B 62 -6.80 24.14 0.48
C PHE B 62 -7.49 25.00 1.54
N SER B 63 -8.67 24.58 1.99
CA SER B 63 -9.38 25.29 3.05
C SER B 63 -10.15 24.31 3.93
N GLY B 64 -10.46 24.77 5.15
CA GLY B 64 -11.28 24.02 6.06
C GLY B 64 -12.38 24.90 6.61
N SER B 65 -13.48 24.27 7.00
CA SER B 65 -14.56 24.98 7.63
C SER B 65 -15.26 24.07 8.63
N GLY B 66 -16.07 24.72 9.48
CA GLY B 66 -16.94 24.04 10.40
C GLY B 66 -16.57 24.28 11.86
N SER B 67 -17.54 23.99 12.71
CA SER B 67 -17.40 24.07 14.15
CA SER B 67 -17.41 24.09 14.16
C SER B 67 -18.51 23.22 14.78
N GLY B 68 -18.16 22.49 15.84
CA GLY B 68 -19.13 21.64 16.51
C GLY B 68 -18.93 20.18 16.13
N THR B 69 -19.77 19.64 15.25
CA THR B 69 -19.66 18.24 14.83
C THR B 69 -19.35 18.07 13.33
N LYS B 70 -19.73 19.02 12.48
CA LYS B 70 -19.61 18.87 11.03
C LYS B 70 -18.51 19.77 10.47
N PHE B 71 -17.50 19.14 9.87
CA PHE B 71 -16.32 19.80 9.34
C PHE B 71 -16.15 19.44 7.86
N SER B 72 -15.63 20.41 7.10
CA SER B 72 -15.39 20.27 5.68
C SER B 72 -13.95 20.68 5.37
N PHE B 73 -13.37 19.96 4.41
CA PHE B 73 -12.09 20.26 3.84
C PHE B 73 -12.32 20.36 2.34
N LYS B 74 -11.83 21.45 1.74
CA LYS B 74 -12.07 21.72 0.33
CA LYS B 74 -12.07 21.72 0.33
C LYS B 74 -10.77 21.98 -0.43
N ILE B 75 -10.70 21.43 -1.65
CA ILE B 75 -9.67 21.78 -2.60
C ILE B 75 -10.40 22.45 -3.75
N SER B 76 -10.10 23.73 -3.98
CA SER B 76 -10.91 24.54 -4.87
C SER B 76 -10.66 24.22 -6.35
N SER B 77 -9.45 23.73 -6.66
CA SER B 77 -9.06 23.39 -8.05
C SER B 77 -7.97 22.33 -7.99
N LEU B 78 -8.35 21.07 -8.22
CA LEU B 78 -7.42 19.96 -8.03
C LEU B 78 -6.26 20.04 -9.03
N GLN B 79 -5.05 19.94 -8.48
CA GLN B 79 -3.82 19.84 -9.26
CA GLN B 79 -3.82 19.84 -9.25
C GLN B 79 -3.37 18.38 -9.26
N ALA B 80 -2.50 18.01 -10.20
CA ALA B 80 -2.06 16.64 -10.36
C ALA B 80 -1.53 16.05 -9.04
N GLU B 81 -0.77 16.86 -8.28
CA GLU B 81 -0.11 16.40 -7.06
CA GLU B 81 -0.10 16.43 -7.05
C GLU B 81 -1.11 16.19 -5.91
N ASP B 82 -2.38 16.56 -6.11
CA ASP B 82 -3.36 16.58 -5.00
C ASP B 82 -4.15 15.27 -4.88
N PHE B 83 -3.93 14.33 -5.82
CA PHE B 83 -4.70 13.10 -5.87
C PHE B 83 -4.04 12.06 -4.97
N VAL B 84 -4.16 12.33 -3.66
CA VAL B 84 -3.52 11.56 -2.60
C VAL B 84 -4.55 11.38 -1.48
N SER B 85 -4.08 11.10 -0.26
CA SER B 85 -4.97 10.86 0.85
C SER B 85 -5.00 12.04 1.83
N TYR B 86 -6.15 12.18 2.50
CA TYR B 86 -6.42 13.25 3.44
C TYR B 86 -7.08 12.66 4.69
N TYR B 87 -6.71 13.18 5.85
CA TYR B 87 -7.25 12.72 7.12
C TYR B 87 -7.62 13.90 8.00
N CYS B 88 -8.72 13.77 8.73
CA CYS B 88 -9.07 14.69 9.81
CA CYS B 88 -9.00 14.73 9.79
C CYS B 88 -8.62 14.11 11.15
N GLN B 89 -8.53 14.97 12.16
CA GLN B 89 -8.10 14.56 13.49
C GLN B 89 -8.66 15.54 14.52
N GLN B 90 -9.20 15.03 15.63
CA GLN B 90 -9.63 15.90 16.73
C GLN B 90 -8.53 15.94 17.80
N PHE B 91 -8.33 17.11 18.40
CA PHE B 91 -7.42 17.26 19.53
C PHE B 91 -8.16 17.95 20.69
N TYR B 92 -9.49 17.79 20.70
CA TYR B 92 -10.34 18.29 21.77
C TYR B 92 -10.09 17.53 23.08
N SER B 93 -9.98 16.20 22.98
CA SER B 93 -9.88 15.36 24.18
C SER B 93 -9.05 14.13 23.86
N THR B 94 -8.26 13.67 24.83
CA THR B 94 -7.60 12.38 24.72
C THR B 94 -8.66 11.30 24.87
N PRO B 95 -8.50 10.17 24.17
CA PRO B 95 -7.42 9.91 23.23
C PRO B 95 -7.63 10.68 21.93
N PHE B 96 -6.56 11.25 21.38
CA PHE B 96 -6.68 11.93 20.09
C PHE B 96 -7.04 10.89 19.03
N THR B 97 -7.97 11.26 18.12
CA THR B 97 -8.49 10.31 17.15
C THR B 97 -8.55 10.94 15.78
N PHE B 98 -8.35 10.07 14.78
CA PHE B 98 -8.31 10.42 13.39
C PHE B 98 -9.51 9.82 12.66
N GLY B 99 -9.95 10.54 11.63
CA GLY B 99 -10.82 9.95 10.63
C GLY B 99 -10.10 8.88 9.83
N GLY B 100 -10.90 8.07 9.14
CA GLY B 100 -10.44 6.91 8.41
C GLY B 100 -9.71 7.24 7.12
N GLY B 101 -9.76 8.50 6.67
CA GLY B 101 -9.07 8.93 5.49
C GLY B 101 -9.98 8.96 4.26
N THR B 102 -9.57 9.77 3.29
CA THR B 102 -10.17 9.86 1.99
C THR B 102 -9.04 9.82 0.97
N LYS B 103 -9.19 8.97 -0.05
CA LYS B 103 -8.26 8.93 -1.18
C LYS B 103 -8.92 9.59 -2.40
N LEU B 104 -8.23 10.55 -3.02
CA LEU B 104 -8.72 11.18 -4.21
C LEU B 104 -8.05 10.52 -5.41
N GLU B 105 -8.87 10.17 -6.40
CA GLU B 105 -8.41 9.56 -7.65
C GLU B 105 -8.86 10.39 -8.89
N ILE B 106 -8.05 10.22 -9.93
CA ILE B 106 -8.27 11.06 -11.09
CA ILE B 106 -8.22 11.04 -11.14
C ILE B 106 -9.15 10.29 -12.09
N LYS B 107 -10.07 11.02 -12.69
CA LYS B 107 -10.90 10.44 -13.74
C LYS B 107 -10.13 10.42 -15.05
N ARG B 108 -10.49 9.47 -15.91
CA ARG B 108 -9.99 9.41 -17.28
C ARG B 108 -11.02 8.63 -18.10
N ALA B 109 -10.73 8.46 -19.39
CA ALA B 109 -11.60 7.74 -20.27
C ALA B 109 -11.61 6.26 -19.87
N ASP B 110 -12.76 5.63 -20.05
CA ASP B 110 -12.88 4.19 -19.84
C ASP B 110 -11.87 3.46 -20.72
N ALA B 111 -11.29 2.39 -20.17
CA ALA B 111 -10.34 1.53 -20.89
C ALA B 111 -10.59 0.08 -20.46
N ALA B 112 -10.73 -0.82 -21.44
CA ALA B 112 -10.89 -2.23 -21.20
C ALA B 112 -9.56 -2.82 -20.73
N PRO B 113 -9.58 -3.83 -19.85
CA PRO B 113 -8.33 -4.47 -19.44
C PRO B 113 -7.71 -5.27 -20.58
N THR B 114 -6.38 -5.34 -20.58
CA THR B 114 -5.63 -6.27 -21.37
C THR B 114 -5.37 -7.48 -20.48
N VAL B 115 -5.87 -8.64 -20.89
CA VAL B 115 -5.86 -9.82 -20.05
C VAL B 115 -4.85 -10.83 -20.61
N SER B 116 -3.99 -11.32 -19.71
CA SER B 116 -2.97 -12.31 -20.06
C SER B 116 -3.03 -13.44 -19.04
N ILE B 117 -3.01 -14.69 -19.52
CA ILE B 117 -2.98 -15.86 -18.62
C ILE B 117 -1.63 -16.57 -18.75
N PHE B 118 -1.15 -17.07 -17.61
CA PHE B 118 0.17 -17.71 -17.49
C PHE B 118 0.02 -19.05 -16.78
N PRO B 119 0.28 -20.16 -17.49
CA PRO B 119 0.38 -21.46 -16.85
C PRO B 119 1.51 -21.46 -15.83
N PRO B 120 1.50 -22.44 -14.91
CA PRO B 120 2.62 -22.61 -13.99
C PRO B 120 3.92 -22.70 -14.79
N SER B 121 4.99 -22.11 -14.25
CA SER B 121 6.32 -22.27 -14.81
C SER B 121 6.76 -23.74 -14.66
N SER B 122 7.61 -24.18 -15.56
CA SER B 122 8.22 -25.51 -15.44
CA SER B 122 8.16 -25.53 -15.43
C SER B 122 8.88 -25.66 -14.07
N GLU B 123 9.54 -24.58 -13.63
CA GLU B 123 10.27 -24.58 -12.36
CA GLU B 123 10.27 -24.59 -12.37
C GLU B 123 9.32 -24.81 -11.18
N GLN B 124 8.14 -24.20 -11.19
CA GLN B 124 7.26 -24.31 -10.06
C GLN B 124 6.70 -25.74 -9.96
N LEU B 125 6.50 -26.36 -11.11
CA LEU B 125 5.90 -27.68 -11.11
C LEU B 125 6.85 -28.70 -10.48
N THR B 126 7.99 -28.28 -9.91
CA THR B 126 8.83 -29.14 -9.09
C THR B 126 8.42 -29.06 -7.61
N SER B 127 7.59 -28.09 -7.27
CA SER B 127 7.12 -27.94 -5.91
C SER B 127 5.84 -28.76 -5.72
N GLY B 128 5.26 -28.66 -4.51
CA GLY B 128 3.96 -29.24 -4.18
C GLY B 128 2.81 -28.44 -4.77
N GLY B 129 3.13 -27.28 -5.39
CA GLY B 129 2.13 -26.37 -5.90
C GLY B 129 2.30 -26.03 -7.38
N ALA B 130 1.24 -25.45 -7.90
CA ALA B 130 1.10 -24.98 -9.25
C ALA B 130 0.25 -23.72 -9.18
N SER B 131 0.78 -22.62 -9.71
CA SER B 131 0.08 -21.33 -9.69
C SER B 131 -0.23 -20.93 -11.12
N VAL B 132 -1.49 -20.57 -11.36
CA VAL B 132 -1.94 -20.02 -12.63
C VAL B 132 -2.19 -18.53 -12.38
N VAL B 133 -1.61 -17.68 -13.21
CA VAL B 133 -1.66 -16.23 -12.99
C VAL B 133 -2.38 -15.57 -14.15
N CYS B 134 -3.22 -14.60 -13.81
CA CYS B 134 -3.89 -13.80 -14.75
CA CYS B 134 -3.88 -13.77 -14.81
C CYS B 134 -3.63 -12.31 -14.44
N PHE B 135 -3.09 -11.57 -15.42
CA PHE B 135 -2.98 -10.12 -15.28
C PHE B 135 -4.11 -9.46 -16.06
N LEU B 136 -4.81 -8.53 -15.39
CA LEU B 136 -5.79 -7.65 -15.99
CA LEU B 136 -5.81 -7.64 -16.00
C LEU B 136 -5.24 -6.22 -15.92
N ASN B 137 -4.71 -5.74 -17.04
CA ASN B 137 -3.85 -4.56 -17.00
C ASN B 137 -4.49 -3.35 -17.69
N ASN B 138 -4.22 -2.20 -17.08
CA ASN B 138 -4.40 -0.87 -17.67
C ASN B 138 -5.88 -0.63 -18.01
N PHE B 139 -6.75 -0.82 -17.03
CA PHE B 139 -8.18 -0.60 -17.23
C PHE B 139 -8.65 0.60 -16.40
N TYR B 140 -9.83 1.09 -16.77
CA TYR B 140 -10.47 2.18 -16.07
C TYR B 140 -11.96 2.09 -16.38
N PRO B 141 -12.86 2.20 -15.38
CA PRO B 141 -12.62 2.51 -13.98
C PRO B 141 -12.14 1.30 -13.17
N LYS B 142 -11.94 1.51 -11.87
CA LYS B 142 -11.19 0.57 -11.04
C LYS B 142 -11.98 -0.72 -10.77
N ASP B 143 -13.31 -0.70 -10.88
CA ASP B 143 -14.10 -1.86 -10.46
C ASP B 143 -14.03 -2.94 -11.56
N ILE B 144 -13.74 -4.15 -11.14
CA ILE B 144 -13.57 -5.25 -12.07
C ILE B 144 -13.83 -6.55 -11.30
N ASN B 145 -14.21 -7.59 -12.03
CA ASN B 145 -14.48 -8.90 -11.48
C ASN B 145 -13.67 -9.93 -12.28
N VAL B 146 -13.04 -10.86 -11.57
N VAL B 146 -13.05 -10.86 -11.56
CA VAL B 146 -12.37 -11.98 -12.21
CA VAL B 146 -12.35 -12.00 -12.15
C VAL B 146 -13.01 -13.28 -11.69
C VAL B 146 -13.01 -13.29 -11.67
N LYS B 147 -13.18 -14.22 -12.61
CA LYS B 147 -13.66 -15.56 -12.33
C LYS B 147 -12.68 -16.56 -12.96
N TRP B 148 -12.37 -17.60 -12.20
CA TRP B 148 -11.56 -18.70 -12.66
C TRP B 148 -12.46 -19.90 -12.94
N LYS B 149 -12.13 -20.63 -14.02
CA LYS B 149 -12.76 -21.90 -14.30
C LYS B 149 -11.68 -22.95 -14.57
N ILE B 150 -11.92 -24.16 -14.07
CA ILE B 150 -11.11 -25.33 -14.34
C ILE B 150 -12.03 -26.37 -14.98
N ASP B 151 -11.73 -26.73 -16.23
CA ASP B 151 -12.58 -27.63 -17.01
C ASP B 151 -14.03 -27.14 -16.97
N GLY B 152 -14.23 -25.82 -17.05
CA GLY B 152 -15.56 -25.19 -17.12
C GLY B 152 -16.21 -24.96 -15.77
N SER B 153 -15.58 -25.44 -14.68
CA SER B 153 -16.14 -25.36 -13.34
C SER B 153 -15.56 -24.14 -12.61
N GLU B 154 -16.45 -23.26 -12.11
CA GLU B 154 -16.02 -22.07 -11.42
C GLU B 154 -15.25 -22.46 -10.15
N ARG B 155 -14.12 -21.80 -9.93
CA ARG B 155 -13.20 -22.11 -8.84
C ARG B 155 -12.94 -20.86 -8.01
N GLN B 156 -13.32 -20.91 -6.72
CA GLN B 156 -13.10 -19.82 -5.77
C GLN B 156 -11.90 -20.11 -4.85
N ASN B 157 -11.81 -21.35 -4.38
CA ASN B 157 -10.77 -21.80 -3.45
CA ASN B 157 -10.75 -21.77 -3.45
C ASN B 157 -9.39 -21.62 -4.10
N GLY B 158 -8.46 -21.02 -3.39
CA GLY B 158 -7.08 -20.87 -3.83
C GLY B 158 -6.82 -19.66 -4.71
N VAL B 159 -7.80 -18.74 -4.83
CA VAL B 159 -7.66 -17.55 -5.65
C VAL B 159 -7.31 -16.37 -4.75
N LEU B 160 -6.20 -15.69 -5.08
CA LEU B 160 -5.84 -14.47 -4.36
C LEU B 160 -5.55 -13.36 -5.37
N ASN B 161 -6.08 -12.18 -5.06
CA ASN B 161 -6.08 -11.06 -5.96
C ASN B 161 -5.26 -9.91 -5.35
N SER B 162 -4.68 -9.09 -6.22
CA SER B 162 -3.94 -7.91 -5.83
C SER B 162 -4.19 -6.81 -6.85
N TRP B 163 -4.36 -5.59 -6.36
CA TRP B 163 -4.75 -4.46 -7.17
C TRP B 163 -3.68 -3.38 -7.00
N THR B 164 -3.22 -2.78 -8.11
CA THR B 164 -2.34 -1.64 -8.04
C THR B 164 -3.14 -0.40 -7.64
N ASP B 165 -2.42 0.58 -7.09
CA ASP B 165 -2.93 1.93 -7.00
C ASP B 165 -2.97 2.53 -8.41
N GLN B 166 -3.77 3.59 -8.55
CA GLN B 166 -3.89 4.26 -9.81
C GLN B 166 -2.50 4.62 -10.35
N ASP B 167 -2.30 4.35 -11.64
CA ASP B 167 -1.03 4.60 -12.28
C ASP B 167 -0.80 6.11 -12.39
N SER B 168 0.40 6.55 -11.99
CA SER B 168 0.75 7.97 -12.01
C SER B 168 0.89 8.50 -13.44
N LYS B 169 1.18 7.63 -14.41
CA LYS B 169 1.43 8.04 -15.81
C LYS B 169 0.12 8.07 -16.64
N ASP B 170 -0.69 7.00 -16.56
CA ASP B 170 -1.84 6.85 -17.50
C ASP B 170 -3.19 6.81 -16.76
N SER B 171 -3.16 6.85 -15.41
CA SER B 171 -4.36 6.93 -14.57
C SER B 171 -5.22 5.66 -14.65
N THR B 172 -4.64 4.56 -15.12
CA THR B 172 -5.35 3.29 -15.17
C THR B 172 -5.04 2.48 -13.89
N TYR B 173 -5.77 1.38 -13.77
CA TYR B 173 -5.62 0.39 -12.71
C TYR B 173 -5.21 -0.94 -13.35
N SER B 174 -4.56 -1.79 -12.54
CA SER B 174 -4.23 -3.13 -12.96
C SER B 174 -4.50 -4.07 -11.79
N MET B 175 -4.67 -5.35 -12.12
CA MET B 175 -5.02 -6.38 -11.14
CA MET B 175 -4.86 -6.31 -11.07
C MET B 175 -4.31 -7.68 -11.52
N SER B 176 -3.83 -8.41 -10.51
CA SER B 176 -3.27 -9.73 -10.68
CA SER B 176 -3.28 -9.73 -10.68
C SER B 176 -4.15 -10.70 -9.91
N SER B 177 -4.48 -11.83 -10.53
CA SER B 177 -5.23 -12.91 -9.89
C SER B 177 -4.39 -14.18 -10.02
N THR B 178 -4.18 -14.87 -8.89
CA THR B 178 -3.40 -16.08 -8.87
C THR B 178 -4.26 -17.20 -8.29
N LEU B 179 -4.41 -18.28 -9.07
CA LEU B 179 -5.03 -19.50 -8.62
C LEU B 179 -3.92 -20.48 -8.27
N THR B 180 -3.85 -20.88 -6.99
CA THR B 180 -2.85 -21.81 -6.52
C THR B 180 -3.55 -23.13 -6.18
N LEU B 181 -3.04 -24.20 -6.79
CA LEU B 181 -3.51 -25.57 -6.62
C LEU B 181 -2.30 -26.40 -6.21
N THR B 182 -2.56 -27.61 -5.72
CA THR B 182 -1.49 -28.60 -5.66
C THR B 182 -1.12 -29.00 -7.10
N LYS B 183 0.12 -29.45 -7.29
CA LYS B 183 0.56 -29.95 -8.60
C LYS B 183 -0.33 -31.13 -9.02
N ASP B 184 -0.66 -32.01 -8.06
CA ASP B 184 -1.48 -33.18 -8.36
C ASP B 184 -2.83 -32.72 -8.92
N GLU B 185 -3.47 -31.72 -8.28
CA GLU B 185 -4.77 -31.27 -8.77
C GLU B 185 -4.62 -30.59 -10.13
N TYR B 186 -3.55 -29.80 -10.32
CA TYR B 186 -3.31 -29.13 -11.59
C TYR B 186 -3.28 -30.16 -12.73
N GLU B 187 -2.60 -31.28 -12.52
CA GLU B 187 -2.38 -32.28 -13.57
C GLU B 187 -3.62 -33.16 -13.77
N ARG B 188 -4.65 -33.00 -12.91
CA ARG B 188 -5.88 -33.79 -13.05
C ARG B 188 -6.85 -33.09 -14.01
N HIS B 189 -6.58 -31.83 -14.37
CA HIS B 189 -7.50 -31.05 -15.19
C HIS B 189 -6.80 -30.53 -16.44
N ASN B 190 -7.59 -30.14 -17.44
CA ASN B 190 -7.05 -29.78 -18.76
C ASN B 190 -7.15 -28.26 -19.00
N SER B 191 -8.36 -27.71 -18.98
CA SER B 191 -8.63 -26.32 -19.36
CA SER B 191 -8.57 -26.31 -19.37
C SER B 191 -8.59 -25.40 -18.13
N TYR B 192 -7.87 -24.28 -18.25
CA TYR B 192 -7.77 -23.24 -17.22
C TYR B 192 -8.16 -21.91 -17.86
N THR B 193 -9.12 -21.23 -17.23
CA THR B 193 -9.70 -20.03 -17.77
C THR B 193 -9.79 -18.93 -16.72
N CYS B 194 -9.41 -17.72 -17.12
CA CYS B 194 -9.58 -16.45 -16.41
CA CYS B 194 -9.77 -16.56 -16.33
C CYS B 194 -10.59 -15.61 -17.19
N GLU B 195 -11.67 -15.14 -16.57
CA GLU B 195 -12.70 -14.35 -17.22
C GLU B 195 -12.82 -13.03 -16.47
N ALA B 196 -12.66 -11.92 -17.21
CA ALA B 196 -12.68 -10.58 -16.65
C ALA B 196 -13.99 -9.87 -17.06
N THR B 197 -14.73 -9.38 -16.07
CA THR B 197 -15.95 -8.62 -16.29
C THR B 197 -15.67 -7.17 -15.90
N HIS B 198 -15.94 -6.26 -16.83
CA HIS B 198 -15.64 -4.85 -16.69
C HIS B 198 -16.70 -4.07 -17.47
N LYS B 199 -16.96 -2.83 -17.06
CA LYS B 199 -18.10 -2.07 -17.60
C LYS B 199 -17.91 -1.74 -19.08
N THR B 200 -16.67 -1.86 -19.59
CA THR B 200 -16.31 -1.55 -20.98
C THR B 200 -16.88 -2.58 -21.96
N SER B 201 -17.38 -3.73 -21.48
CA SER B 201 -18.04 -4.70 -22.37
C SER B 201 -19.12 -5.49 -21.64
N THR B 202 -20.21 -5.80 -22.36
CA THR B 202 -21.30 -6.63 -21.84
C THR B 202 -20.85 -8.10 -21.77
N SER B 203 -19.83 -8.47 -22.55
CA SER B 203 -19.30 -9.83 -22.56
C SER B 203 -17.96 -9.86 -21.81
N PRO B 204 -17.67 -10.89 -21.00
CA PRO B 204 -16.37 -10.96 -20.32
C PRO B 204 -15.24 -11.17 -21.34
N ILE B 205 -14.03 -10.73 -20.97
CA ILE B 205 -12.82 -11.09 -21.67
C ILE B 205 -12.34 -12.42 -21.09
N VAL B 206 -12.18 -13.41 -21.96
CA VAL B 206 -11.88 -14.78 -21.59
C VAL B 206 -10.51 -15.13 -22.15
N LYS B 207 -9.60 -15.54 -21.26
CA LYS B 207 -8.31 -16.09 -21.66
C LYS B 207 -8.19 -17.48 -21.03
N SER B 208 -7.76 -18.43 -21.85
CA SER B 208 -7.74 -19.82 -21.49
CA SER B 208 -7.72 -19.81 -21.46
CA SER B 208 -7.75 -19.84 -21.49
C SER B 208 -6.52 -20.51 -22.11
N PHE B 209 -6.13 -21.64 -21.52
CA PHE B 209 -5.18 -22.55 -22.13
C PHE B 209 -5.55 -23.98 -21.70
N ASN B 210 -5.03 -24.93 -22.47
CA ASN B 210 -5.14 -26.36 -22.17
C ASN B 210 -3.76 -26.86 -21.74
N ARG B 211 -3.74 -27.60 -20.64
CA ARG B 211 -2.49 -28.10 -20.04
C ARG B 211 -1.81 -29.07 -21.02
N ASN B 212 -0.48 -28.94 -21.13
CA ASN B 212 0.41 -29.79 -21.94
C ASN B 212 -0.09 -29.84 -23.40
N GLU B 213 -0.63 -28.70 -23.86
CA GLU B 213 -0.88 -28.41 -25.26
C GLU B 213 0.06 -27.26 -25.63
N CYS B 214 0.49 -27.17 -26.90
CA CYS B 214 1.36 -26.07 -27.35
CA CYS B 214 1.41 -26.14 -27.39
C CYS B 214 0.93 -25.63 -28.74
#